data_7UA2
#
_entry.id   7UA2
#
_cell.length_a   152.650
_cell.length_b   77.930
_cell.length_c   58.780
_cell.angle_alpha   90.000
_cell.angle_beta   99.218
_cell.angle_gamma   90.000
#
_symmetry.space_group_name_H-M   'C 1 2 1'
#
loop_
_entity.id
_entity.type
_entity.pdbx_description
1 polymer 'Gametocyte surface protein P230'
2 polymer LMIV230-01
3 polymer 230AL-18
4 water water
#
loop_
_entity_poly.entity_id
_entity_poly.type
_entity_poly.pdbx_seq_one_letter_code
_entity_poly.pdbx_strand_id
1 'polypeptide(L)'
;SVLQSGALPSVGVDELDKIDLSYETTESGDTAVSEDSYDKYASQNTNKEYVCDFTDQLKPTESGPKVKKCEVKVNEPLIK
VKIICPLKGSVEKLYDNIEYVPKKSPYVVLTKEETKLKEKLLSKLIYGLLISPTVNEKENNFKEGVIEFTLPPVVHKATV
FYFICDNSKTEDDNKKGNRGIVEVYVEPYGN
;
A
2 'polypeptide(L)'
;TGQVQLVQSGAEVKKPGSSVKVSCKVSGGTFNTYAIIWVRQAPGQGLEWMGAIIPFQDRGQYAQKFQGRVTITADKSTST
AYMELSSLRSEDTAVYYCAKESGRAVADRWGQGTLVTVSSGGGGSGGGGSGGGGSGGGGSGGGGSDIVMTQSPASLALSL
GERATLYCRASHSISSWLAWYQQKPGKAPKLLIYKASTLESGVPSRFSGSGSGTEFTLTISSLQPDDFATYYCQQYKSYP
WTFGQGTKLEIKRGTHHHHHH
;
B
3 'polypeptide(L)'
;TGEVQLVESGGGLVKPGGSLRLSCAASAFTFSSYTMNWVRQAPGKGLEWVSSITSDSRYIYYADSMKGRFTISRDNAKNS
LSLQMDSLRVEDTAIYYCARGDGGGMAGWYFDLWGRGTLVTVSSGGGGSGGGGSGGGGSGGGGSEIVLTQSPATLSLSPG
ERVTLSCRTSQSIRTNLAWYQHKHGQAPRLLISDASNRATGVPARFSGSGSGTDFTLTISNLEPEDFAVYYCQQRSIWPP
FTFGQGTKLEIKGTHHHHHH
;
H
#
# COMPACT_ATOMS: atom_id res chain seq x y z
N LYS A 18 9.27 -25.69 -15.22
CA LYS A 18 10.13 -24.81 -16.02
C LYS A 18 9.77 -23.36 -15.73
N ILE A 19 10.75 -22.47 -15.87
CA ILE A 19 10.55 -21.04 -15.72
C ILE A 19 10.70 -20.38 -17.08
N ASP A 20 9.97 -19.29 -17.28
CA ASP A 20 10.08 -18.46 -18.48
C ASP A 20 11.11 -17.37 -18.19
N LEU A 21 12.36 -17.63 -18.57
CA LEU A 21 13.45 -16.70 -18.25
C LEU A 21 13.22 -15.32 -18.85
N SER A 22 12.41 -15.20 -19.91
CA SER A 22 12.17 -13.91 -20.54
C SER A 22 11.10 -13.08 -19.84
N TYR A 23 10.43 -13.64 -18.83
CA TYR A 23 9.34 -12.94 -18.18
C TYR A 23 9.87 -11.85 -17.25
N GLU A 24 9.29 -10.66 -17.34
CA GLU A 24 9.58 -9.55 -16.46
C GLU A 24 8.29 -8.80 -16.20
N THR A 25 8.05 -8.42 -14.95
CA THR A 25 6.94 -7.54 -14.64
C THR A 25 7.35 -6.65 -13.47
N THR A 26 6.39 -5.88 -12.96
CA THR A 26 6.59 -5.02 -11.82
C THR A 26 5.46 -5.29 -10.83
N GLU A 27 5.64 -4.82 -9.59
CA GLU A 27 4.60 -4.97 -8.59
C GLU A 27 3.35 -4.21 -8.99
N SER A 28 3.51 -2.96 -9.43
CA SER A 28 2.37 -2.11 -9.75
C SER A 28 1.67 -2.50 -11.04
N GLY A 29 2.25 -3.41 -11.82
CA GLY A 29 1.69 -3.71 -13.12
C GLY A 29 1.45 -2.45 -13.92
N ASP A 30 0.29 -2.41 -14.58
CA ASP A 30 -0.12 -1.28 -15.41
C ASP A 30 -1.01 -0.29 -14.66
N THR A 31 -1.07 -0.37 -13.33
CA THR A 31 -1.94 0.49 -12.55
C THR A 31 -1.39 1.89 -12.34
N ALA A 32 -0.08 2.09 -12.54
CA ALA A 32 0.60 3.36 -12.33
C ALA A 32 0.59 3.81 -10.88
N VAL A 33 0.22 2.94 -9.94
CA VAL A 33 0.23 3.25 -8.52
C VAL A 33 1.59 2.87 -7.95
N SER A 34 2.19 3.77 -7.16
CA SER A 34 3.45 3.46 -6.50
C SER A 34 3.20 2.84 -5.13
N GLU A 35 4.22 2.15 -4.62
CA GLU A 35 4.03 1.31 -3.44
C GLU A 35 3.51 2.11 -2.25
N ASP A 36 3.89 3.38 -2.14
CA ASP A 36 3.41 4.17 -1.00
C ASP A 36 1.91 4.36 -1.03
N SER A 37 1.27 4.13 -2.17
CA SER A 37 -0.17 4.26 -2.33
C SER A 37 -0.87 2.91 -2.43
N TYR A 38 -0.16 1.80 -2.26
CA TYR A 38 -0.84 0.51 -2.18
C TYR A 38 -1.70 0.48 -0.91
N ASP A 39 -2.82 -0.25 -0.98
CA ASP A 39 -3.49 -0.72 0.22
C ASP A 39 -2.73 -1.95 0.69
N LYS A 40 -2.21 -1.93 1.92
CA LYS A 40 -1.35 -2.97 2.45
C LYS A 40 -2.01 -3.64 3.65
N TYR A 41 -2.01 -4.97 3.66
CA TYR A 41 -2.68 -5.74 4.69
C TYR A 41 -1.81 -6.87 5.21
N ALA A 42 -1.95 -7.18 6.49
CA ALA A 42 -1.43 -8.43 7.01
C ALA A 42 -2.28 -9.58 6.48
N SER A 43 -1.65 -10.71 6.22
CA SER A 43 -2.39 -11.92 5.93
C SER A 43 -3.32 -12.23 7.11
N GLN A 44 -4.35 -13.01 6.83
CA GLN A 44 -5.26 -13.50 7.87
C GLN A 44 -4.64 -14.74 8.50
N ASN A 45 -4.28 -14.66 9.76
CA ASN A 45 -3.43 -15.68 10.39
C ASN A 45 -4.19 -16.38 11.50
N THR A 46 -4.30 -17.70 11.40
CA THR A 46 -5.01 -18.53 12.37
C THR A 46 -4.10 -19.70 12.72
N ASN A 47 -3.50 -19.66 13.91
CA ASN A 47 -2.54 -20.68 14.35
C ASN A 47 -1.39 -20.63 13.34
N LYS A 48 -1.06 -21.74 12.68
CA LYS A 48 0.06 -21.78 11.75
C LYS A 48 -0.41 -21.81 10.30
N GLU A 49 -1.44 -21.02 9.99
CA GLU A 49 -1.98 -20.91 8.63
C GLU A 49 -2.20 -19.43 8.34
N TYR A 50 -1.42 -18.88 7.41
CA TYR A 50 -1.55 -17.48 6.99
C TYR A 50 -2.23 -17.46 5.63
N VAL A 51 -3.32 -16.69 5.51
CA VAL A 51 -4.19 -16.74 4.34
C VAL A 51 -4.33 -15.35 3.74
N CYS A 52 -4.25 -15.27 2.42
CA CYS A 52 -4.56 -14.05 1.66
C CYS A 52 -5.75 -14.38 0.75
N ASP A 53 -6.95 -13.97 1.16
CA ASP A 53 -8.18 -14.26 0.41
C ASP A 53 -8.61 -13.00 -0.33
N PHE A 54 -8.41 -13.00 -1.65
CA PHE A 54 -8.67 -11.82 -2.48
C PHE A 54 -10.11 -11.76 -3.00
N THR A 55 -10.96 -12.71 -2.63
CA THR A 55 -12.28 -12.83 -3.26
C THR A 55 -13.01 -11.50 -3.31
N ASP A 56 -13.06 -10.78 -2.19
CA ASP A 56 -13.83 -9.53 -2.12
C ASP A 56 -13.01 -8.30 -2.46
N GLN A 57 -11.72 -8.28 -2.06
CA GLN A 57 -10.91 -7.08 -2.23
C GLN A 57 -10.66 -6.73 -3.69
N LEU A 58 -10.76 -7.68 -4.62
CA LEU A 58 -10.48 -7.42 -6.02
C LEU A 58 -11.74 -7.08 -6.84
N LYS A 59 -12.92 -7.16 -6.26
CA LYS A 59 -14.13 -6.89 -7.01
C LYS A 59 -14.14 -5.45 -7.51
N PRO A 60 -14.80 -5.17 -8.63
CA PRO A 60 -14.82 -3.81 -9.17
C PRO A 60 -15.39 -2.79 -8.20
N THR A 61 -14.81 -1.59 -8.23
CA THR A 61 -15.25 -0.46 -7.42
C THR A 61 -15.07 0.82 -8.22
N GLU A 62 -15.80 1.86 -7.83
CA GLU A 62 -15.68 3.15 -8.49
C GLU A 62 -14.22 3.59 -8.62
N SER A 63 -13.49 3.59 -7.50
CA SER A 63 -12.16 4.18 -7.46
C SER A 63 -11.12 3.35 -8.21
N GLY A 64 -11.39 2.08 -8.45
CA GLY A 64 -10.43 1.19 -9.05
C GLY A 64 -9.86 1.71 -10.36
N PRO A 65 -8.73 1.14 -10.79
CA PRO A 65 -8.01 0.06 -10.10
C PRO A 65 -7.14 0.55 -8.93
N LYS A 66 -7.27 -0.14 -7.79
CA LYS A 66 -6.40 0.01 -6.65
C LYS A 66 -5.46 -1.20 -6.59
N VAL A 67 -4.34 -1.03 -5.88
CA VAL A 67 -3.42 -2.13 -5.60
C VAL A 67 -3.66 -2.60 -4.17
N LYS A 68 -3.87 -3.90 -4.01
CA LYS A 68 -4.20 -4.51 -2.72
C LYS A 68 -3.10 -5.51 -2.37
N LYS A 69 -2.24 -5.15 -1.43
CA LYS A 69 -1.04 -5.93 -1.14
C LYS A 69 -1.20 -6.65 0.19
N CYS A 70 -1.12 -7.98 0.15
CA CYS A 70 -1.27 -8.82 1.32
C CYS A 70 0.10 -9.33 1.75
N GLU A 71 0.58 -8.85 2.89
CA GLU A 71 1.93 -9.15 3.35
C GLU A 71 1.92 -10.37 4.25
N VAL A 72 2.59 -11.42 3.80
CA VAL A 72 2.75 -12.66 4.54
C VAL A 72 4.14 -12.62 5.17
N LYS A 73 4.21 -12.17 6.42
CA LYS A 73 5.48 -12.01 7.14
C LYS A 73 5.67 -13.17 8.10
N VAL A 74 6.74 -13.94 7.88
CA VAL A 74 6.96 -15.21 8.56
C VAL A 74 8.30 -15.14 9.28
N ASN A 75 8.26 -15.28 10.61
CA ASN A 75 9.49 -15.42 11.39
C ASN A 75 9.41 -16.62 12.33
N GLU A 76 8.50 -17.55 12.05
CA GLU A 76 8.27 -18.74 12.85
C GLU A 76 8.30 -19.96 11.94
N PRO A 77 8.61 -21.13 12.49
CA PRO A 77 8.76 -22.32 11.64
C PRO A 77 7.43 -22.97 11.27
N LEU A 78 7.46 -23.68 10.14
CA LEU A 78 6.37 -24.57 9.71
C LEU A 78 5.05 -23.83 9.59
N ILE A 79 5.11 -22.64 8.98
CA ILE A 79 3.91 -21.88 8.65
C ILE A 79 3.37 -22.37 7.32
N LYS A 80 2.07 -22.64 7.27
CA LYS A 80 1.38 -22.93 6.03
C LYS A 80 0.80 -21.64 5.46
N VAL A 81 0.93 -21.46 4.15
CA VAL A 81 0.47 -20.26 3.46
C VAL A 81 -0.60 -20.68 2.46
N LYS A 82 -1.69 -19.94 2.42
CA LYS A 82 -2.80 -20.24 1.52
C LYS A 82 -3.22 -18.94 0.85
N ILE A 83 -3.24 -18.93 -0.47
CA ILE A 83 -3.64 -17.78 -1.25
C ILE A 83 -4.87 -18.15 -2.07
N ILE A 84 -5.85 -17.26 -2.11
CA ILE A 84 -7.13 -17.54 -2.77
C ILE A 84 -7.38 -16.44 -3.78
N CYS A 85 -7.33 -16.79 -5.07
CA CYS A 85 -7.58 -15.87 -6.16
C CYS A 85 -8.90 -16.26 -6.83
N PRO A 86 -9.89 -15.38 -6.86
CA PRO A 86 -11.18 -15.77 -7.47
C PRO A 86 -11.02 -16.12 -8.94
N LEU A 87 -11.74 -17.17 -9.35
CA LEU A 87 -11.67 -17.65 -10.72
C LEU A 87 -12.54 -16.83 -11.65
N LYS A 88 -12.08 -16.68 -12.89
CA LYS A 88 -12.89 -16.02 -13.91
C LYS A 88 -14.24 -16.72 -14.03
N GLY A 89 -15.31 -15.94 -13.95
CA GLY A 89 -16.64 -16.45 -14.11
C GLY A 89 -17.28 -17.02 -12.86
N SER A 90 -16.52 -17.19 -11.77
CA SER A 90 -17.12 -17.67 -10.53
C SER A 90 -18.31 -16.80 -10.14
N VAL A 91 -18.19 -15.49 -10.35
CA VAL A 91 -19.32 -14.57 -10.31
C VAL A 91 -19.47 -13.98 -11.70
N GLU A 92 -20.73 -13.67 -12.06
CA GLU A 92 -21.07 -13.43 -13.46
C GLU A 92 -20.10 -12.46 -14.14
N LYS A 93 -19.95 -11.26 -13.58
CA LYS A 93 -19.20 -10.22 -14.26
C LYS A 93 -18.03 -9.66 -13.46
N LEU A 94 -17.80 -10.14 -12.24
CA LEU A 94 -16.85 -9.49 -11.36
C LEU A 94 -15.40 -9.88 -11.63
N TYR A 95 -15.16 -11.02 -12.29
CA TYR A 95 -13.80 -11.50 -12.52
C TYR A 95 -13.58 -11.84 -13.99
N ASP A 96 -14.17 -11.05 -14.90
CA ASP A 96 -14.16 -11.41 -16.32
C ASP A 96 -12.72 -11.51 -16.86
N ASN A 97 -11.87 -10.53 -16.56
CA ASN A 97 -10.53 -10.45 -17.13
C ASN A 97 -9.44 -10.69 -16.10
N ILE A 98 -9.72 -11.50 -15.07
CA ILE A 98 -8.77 -11.68 -14.00
C ILE A 98 -7.59 -12.52 -14.48
N GLU A 99 -6.39 -12.11 -14.10
CA GLU A 99 -5.16 -12.80 -14.45
C GLU A 99 -4.37 -13.09 -13.18
N TYR A 100 -3.69 -14.23 -13.14
CA TYR A 100 -2.80 -14.57 -12.04
C TYR A 100 -1.40 -14.82 -12.59
N VAL A 101 -0.39 -14.59 -11.75
CA VAL A 101 1.01 -14.71 -12.16
C VAL A 101 1.85 -15.16 -10.97
N PRO A 102 2.75 -16.15 -11.13
CA PRO A 102 2.98 -16.94 -12.35
C PRO A 102 1.89 -17.97 -12.58
N LYS A 103 1.67 -18.34 -13.84
CA LYS A 103 0.64 -19.34 -14.14
C LYS A 103 0.90 -20.66 -13.44
N LYS A 104 2.17 -20.95 -13.11
CA LYS A 104 2.54 -22.21 -12.49
C LYS A 104 2.69 -22.12 -10.97
N SER A 105 2.12 -21.09 -10.34
CA SER A 105 2.16 -21.01 -8.89
C SER A 105 1.57 -22.29 -8.29
N PRO A 106 2.08 -22.72 -7.12
CA PRO A 106 3.13 -22.12 -6.31
C PRO A 106 4.52 -22.67 -6.60
N TYR A 107 4.63 -23.54 -7.61
CA TYR A 107 5.93 -24.08 -8.00
C TYR A 107 6.84 -22.99 -8.53
N VAL A 108 6.27 -21.99 -9.19
CA VAL A 108 7.01 -20.84 -9.72
C VAL A 108 6.49 -19.60 -9.01
N VAL A 109 7.41 -18.74 -8.58
CA VAL A 109 7.10 -17.51 -7.90
C VAL A 109 7.85 -16.38 -8.59
N LEU A 110 7.58 -15.16 -8.15
CA LEU A 110 8.28 -13.97 -8.62
C LEU A 110 9.19 -13.47 -7.51
N THR A 111 10.44 -13.17 -7.85
CA THR A 111 11.37 -12.52 -6.95
C THR A 111 11.98 -11.32 -7.65
N LYS A 112 12.42 -10.35 -6.84
CA LYS A 112 12.94 -9.10 -7.39
C LYS A 112 14.38 -9.32 -7.80
N GLU A 113 14.65 -9.16 -9.10
CA GLU A 113 15.99 -9.16 -9.66
C GLU A 113 16.25 -7.78 -10.23
N GLU A 114 17.35 -7.14 -9.81
CA GLU A 114 17.55 -5.69 -9.92
C GLU A 114 16.30 -4.99 -9.38
N THR A 115 15.43 -4.47 -10.26
CA THR A 115 14.22 -3.79 -9.80
C THR A 115 12.94 -4.36 -10.43
N LYS A 116 13.00 -5.54 -11.04
CA LYS A 116 11.85 -6.10 -11.73
C LYS A 116 11.57 -7.51 -11.21
N LEU A 117 10.35 -7.97 -11.46
CA LEU A 117 9.90 -9.27 -10.99
C LEU A 117 10.13 -10.33 -12.06
N LYS A 118 10.80 -11.42 -11.67
CA LYS A 118 11.14 -12.48 -12.59
C LYS A 118 10.93 -13.83 -11.92
N GLU A 119 10.76 -14.86 -12.74
CA GLU A 119 10.35 -16.16 -12.25
C GLU A 119 11.50 -16.88 -11.56
N LYS A 120 11.16 -17.59 -10.49
CA LYS A 120 12.10 -18.38 -9.71
C LYS A 120 11.39 -19.64 -9.25
N LEU A 121 12.13 -20.75 -9.19
CA LEU A 121 11.59 -21.98 -8.63
C LEU A 121 11.58 -21.86 -7.11
N LEU A 122 10.40 -21.94 -6.51
CA LEU A 122 10.30 -21.77 -5.07
C LEU A 122 11.08 -22.85 -4.34
N SER A 123 11.07 -24.08 -4.86
CA SER A 123 11.79 -25.17 -4.21
C SER A 123 13.29 -24.88 -4.15
N LYS A 124 13.84 -24.22 -5.18
CA LYS A 124 15.22 -23.78 -5.12
C LYS A 124 15.39 -22.60 -4.17
N LEU A 125 14.37 -21.73 -4.10
CA LEU A 125 14.49 -20.49 -3.35
C LEU A 125 14.49 -20.74 -1.85
N ILE A 126 13.59 -21.58 -1.36
CA ILE A 126 13.53 -21.98 0.05
C ILE A 126 13.62 -23.49 0.11
N TYR A 127 14.81 -24.00 0.44
CA TYR A 127 15.04 -25.43 0.44
C TYR A 127 14.24 -26.11 1.55
N GLY A 128 13.58 -27.22 1.20
CA GLY A 128 12.75 -27.94 2.13
C GLY A 128 11.27 -27.61 2.07
N LEU A 129 10.88 -26.58 1.33
CA LEU A 129 9.49 -26.17 1.27
C LEU A 129 8.61 -27.29 0.72
N LEU A 130 7.45 -27.48 1.35
CA LEU A 130 6.48 -28.49 0.89
C LEU A 130 5.47 -27.84 -0.05
N ILE A 131 5.31 -28.43 -1.24
CA ILE A 131 4.25 -28.07 -2.17
C ILE A 131 3.46 -29.35 -2.43
N SER A 132 2.29 -29.47 -1.82
CA SER A 132 1.45 -30.63 -2.04
C SER A 132 0.88 -30.57 -3.46
N PRO A 133 0.76 -31.72 -4.14
CA PRO A 133 0.25 -31.69 -5.52
C PRO A 133 -1.18 -31.21 -5.63
N THR A 134 -2.00 -31.48 -4.62
CA THR A 134 -3.41 -31.13 -4.66
C THR A 134 -3.78 -30.29 -3.44
N VAL A 135 -4.95 -29.66 -3.50
CA VAL A 135 -5.50 -28.87 -2.40
C VAL A 135 -6.98 -29.22 -2.33
N ASN A 136 -7.39 -29.94 -1.27
CA ASN A 136 -8.76 -30.42 -1.14
C ASN A 136 -9.16 -31.26 -2.35
N GLU A 137 -8.22 -32.09 -2.81
CA GLU A 137 -8.37 -33.04 -3.91
C GLU A 137 -8.33 -32.36 -5.28
N LYS A 138 -8.22 -31.05 -5.37
CA LYS A 138 -8.05 -30.35 -6.63
C LYS A 138 -6.58 -29.96 -6.82
N GLU A 139 -6.23 -29.64 -8.06
CA GLU A 139 -4.85 -29.31 -8.38
C GLU A 139 -4.42 -28.05 -7.62
N ASN A 140 -3.21 -28.11 -7.07
CA ASN A 140 -2.61 -26.99 -6.33
C ASN A 140 -2.12 -25.95 -7.33
N ASN A 141 -3.07 -25.34 -8.03
CA ASN A 141 -2.81 -24.36 -9.07
C ASN A 141 -3.86 -23.27 -8.97
N PHE A 142 -3.50 -22.06 -9.41
CA PHE A 142 -4.44 -20.96 -9.36
C PHE A 142 -5.67 -21.20 -10.24
N LYS A 143 -5.60 -22.16 -11.17
CA LYS A 143 -6.77 -22.45 -11.98
C LYS A 143 -7.85 -23.18 -11.22
N GLU A 144 -7.54 -23.71 -10.03
CA GLU A 144 -8.55 -24.26 -9.12
C GLU A 144 -8.88 -23.28 -8.01
N GLY A 145 -8.33 -22.07 -8.06
CA GLY A 145 -8.73 -20.98 -7.18
C GLY A 145 -7.89 -20.79 -5.95
N VAL A 146 -6.98 -21.71 -5.64
CA VAL A 146 -6.23 -21.65 -4.39
C VAL A 146 -4.90 -22.37 -4.57
N ILE A 147 -3.87 -21.87 -3.88
CA ILE A 147 -2.58 -22.53 -3.84
C ILE A 147 -2.12 -22.57 -2.38
N GLU A 148 -1.35 -23.61 -2.04
CA GLU A 148 -0.84 -23.78 -0.69
C GLU A 148 0.60 -24.29 -0.73
N PHE A 149 1.36 -23.90 0.28
CA PHE A 149 2.69 -24.44 0.52
C PHE A 149 3.00 -24.26 2.00
N THR A 150 3.89 -25.12 2.52
CA THR A 150 4.28 -25.05 3.92
C THR A 150 5.78 -24.79 4.02
N LEU A 151 6.15 -23.76 4.78
CA LEU A 151 7.55 -23.42 4.93
C LEU A 151 8.25 -24.43 5.85
N PRO A 152 9.57 -24.55 5.72
CA PRO A 152 10.31 -25.56 6.50
C PRO A 152 10.57 -25.08 7.91
N PRO A 153 11.19 -25.92 8.75
CA PRO A 153 11.49 -25.51 10.13
C PRO A 153 12.76 -24.68 10.27
N VAL A 154 13.54 -24.49 9.22
CA VAL A 154 14.76 -23.69 9.26
C VAL A 154 14.90 -22.92 7.96
N VAL A 155 14.95 -21.59 8.05
CA VAL A 155 15.27 -20.72 6.92
C VAL A 155 16.51 -19.92 7.29
N HIS A 156 17.54 -20.00 6.46
CA HIS A 156 18.82 -19.40 6.82
C HIS A 156 18.94 -17.93 6.39
N LYS A 157 18.31 -17.54 5.29
CA LYS A 157 18.44 -16.19 4.76
C LYS A 157 17.07 -15.59 4.49
N ALA A 158 16.96 -14.28 4.67
CA ALA A 158 15.71 -13.59 4.37
C ALA A 158 15.35 -13.78 2.90
N THR A 159 14.07 -14.06 2.64
CA THR A 159 13.61 -14.39 1.31
C THR A 159 12.27 -13.71 1.04
N VAL A 160 12.16 -13.06 -0.12
CA VAL A 160 10.93 -12.38 -0.52
C VAL A 160 10.57 -12.84 -1.92
N PHE A 161 9.34 -13.36 -2.08
CA PHE A 161 8.80 -13.73 -3.37
C PHE A 161 7.36 -13.20 -3.46
N TYR A 162 6.80 -13.26 -4.67
CA TYR A 162 5.52 -12.63 -4.92
C TYR A 162 4.61 -13.54 -5.74
N PHE A 163 3.31 -13.28 -5.61
CA PHE A 163 2.28 -13.78 -6.51
C PHE A 163 1.43 -12.58 -6.91
N ILE A 164 0.92 -12.62 -8.14
CA ILE A 164 0.04 -11.57 -8.64
C ILE A 164 -1.32 -12.20 -8.90
N CYS A 165 -2.39 -11.53 -8.45
CA CYS A 165 -3.78 -11.90 -8.75
C CYS A 165 -4.45 -10.59 -9.18
N ASP A 166 -4.46 -10.35 -10.49
CA ASP A 166 -4.77 -9.04 -11.07
C ASP A 166 -6.13 -9.08 -11.74
N ASN A 167 -7.06 -8.28 -11.22
CA ASN A 167 -8.40 -8.11 -11.79
C ASN A 167 -8.62 -6.70 -12.30
N SER A 168 -7.53 -5.94 -12.50
CA SER A 168 -7.63 -4.51 -12.78
C SER A 168 -8.15 -4.22 -14.18
N LYS A 169 -8.13 -5.20 -15.07
CA LYS A 169 -8.65 -5.01 -16.43
C LYS A 169 -10.12 -5.42 -16.55
N THR A 170 -10.74 -5.86 -15.45
CA THR A 170 -12.15 -6.22 -15.47
C THR A 170 -13.00 -4.98 -15.21
N GLU A 171 -13.97 -4.74 -16.09
CA GLU A 171 -14.89 -3.62 -15.96
C GLU A 171 -16.29 -4.16 -15.78
N ASP A 172 -16.96 -3.69 -14.73
CA ASP A 172 -18.35 -4.02 -14.44
C ASP A 172 -19.03 -2.71 -14.10
N ASP A 173 -20.14 -2.41 -14.78
CA ASP A 173 -20.78 -1.09 -14.65
C ASP A 173 -19.72 -0.06 -15.07
N ASN A 174 -19.58 1.04 -14.33
CA ASN A 174 -18.45 1.95 -14.49
C ASN A 174 -17.31 1.60 -13.53
N LYS A 175 -17.37 0.44 -12.89
CA LYS A 175 -16.38 0.03 -11.90
C LYS A 175 -15.27 -0.77 -12.56
N LYS A 176 -14.08 -0.72 -11.94
CA LYS A 176 -12.92 -1.46 -12.39
C LYS A 176 -12.35 -2.27 -11.23
N GLY A 177 -11.89 -3.48 -11.54
CA GLY A 177 -11.29 -4.34 -10.54
C GLY A 177 -9.95 -3.82 -10.07
N ASN A 178 -9.36 -4.55 -9.13
CA ASN A 178 -8.13 -4.16 -8.47
C ASN A 178 -7.02 -5.18 -8.71
N ARG A 179 -5.78 -4.74 -8.51
CA ARG A 179 -4.61 -5.59 -8.65
C ARG A 179 -4.21 -6.11 -7.28
N GLY A 180 -4.17 -7.41 -7.12
CA GLY A 180 -3.76 -8.04 -5.87
C GLY A 180 -2.34 -8.53 -5.96
N ILE A 181 -1.54 -8.17 -4.96
CA ILE A 181 -0.17 -8.63 -4.82
C ILE A 181 -0.05 -9.39 -3.52
N VAL A 182 0.59 -10.55 -3.57
CA VAL A 182 1.02 -11.28 -2.38
C VAL A 182 2.53 -11.15 -2.28
N GLU A 183 3.01 -10.73 -1.12
CA GLU A 183 4.43 -10.61 -0.82
C GLU A 183 4.72 -11.51 0.38
N VAL A 184 5.47 -12.57 0.17
CA VAL A 184 5.87 -13.47 1.24
C VAL A 184 7.27 -13.08 1.67
N TYR A 185 7.39 -12.44 2.84
CA TYR A 185 8.65 -11.98 3.41
C TYR A 185 9.02 -12.90 4.58
N VAL A 186 9.97 -13.80 4.33
CA VAL A 186 10.40 -14.80 5.30
C VAL A 186 11.71 -14.33 5.93
N GLU A 187 11.69 -14.09 7.24
CA GLU A 187 12.88 -13.80 8.02
C GLU A 187 13.56 -15.10 8.45
N PRO A 188 14.85 -15.05 8.75
CA PRO A 188 15.53 -16.28 9.18
C PRO A 188 14.94 -16.79 10.50
N TYR A 189 14.89 -18.10 10.63
CA TYR A 189 14.43 -18.70 11.88
C TYR A 189 14.96 -20.12 11.97
N GLY A 190 15.02 -20.64 13.19
CA GLY A 190 15.50 -21.97 13.45
C GLY A 190 17.01 -22.11 13.47
N ASN A 191 17.76 -21.03 13.29
CA ASN A 191 19.22 -21.10 13.21
C ASN A 191 19.88 -20.36 14.37
N GLN B 3 4.38 11.22 -0.65
CA GLN B 3 4.96 11.64 0.65
C GLN B 3 6.23 10.88 1.00
N VAL B 4 6.73 10.07 0.07
CA VAL B 4 8.02 9.43 0.27
C VAL B 4 9.11 10.50 0.20
N GLN B 5 9.95 10.55 1.22
CA GLN B 5 11.02 11.54 1.33
C GLN B 5 12.35 10.81 1.48
N LEU B 6 13.39 11.36 0.86
CA LEU B 6 14.75 10.83 0.95
C LEU B 6 15.67 11.95 1.35
N VAL B 7 16.21 11.87 2.57
CA VAL B 7 17.02 12.92 3.16
C VAL B 7 18.46 12.43 3.23
N GLN B 8 19.37 13.19 2.61
CA GLN B 8 20.77 12.83 2.52
C GLN B 8 21.62 13.74 3.41
N SER B 9 22.78 13.22 3.81
CA SER B 9 23.71 13.94 4.66
C SER B 9 24.30 15.16 3.94
N GLY B 10 24.87 16.06 4.74
CA GLY B 10 25.33 17.33 4.24
C GLY B 10 26.62 17.23 3.45
N ALA B 11 26.94 18.32 2.76
CA ALA B 11 28.11 18.36 1.91
C ALA B 11 29.39 18.22 2.72
N GLU B 12 30.40 17.63 2.12
CA GLU B 12 31.67 17.40 2.81
C GLU B 12 32.83 17.58 1.84
N VAL B 13 33.95 18.02 2.39
CA VAL B 13 35.20 18.17 1.66
C VAL B 13 36.18 17.16 2.21
N LYS B 14 36.82 16.40 1.31
CA LYS B 14 37.68 15.31 1.72
C LYS B 14 39.02 15.42 1.00
N LYS B 15 40.10 15.11 1.73
CA LYS B 15 41.42 15.11 1.11
C LYS B 15 41.54 13.93 0.14
N PRO B 16 42.35 14.07 -0.91
CA PRO B 16 42.49 12.96 -1.87
C PRO B 16 43.03 11.71 -1.19
N GLY B 17 42.44 10.57 -1.53
CA GLY B 17 42.83 9.29 -0.98
C GLY B 17 42.02 8.82 0.21
N SER B 18 41.30 9.73 0.88
CA SER B 18 40.55 9.36 2.07
C SER B 18 39.28 8.60 1.69
N SER B 19 38.29 8.59 2.58
CA SER B 19 37.00 7.96 2.32
C SER B 19 35.88 8.88 2.75
N VAL B 20 34.71 8.68 2.14
CA VAL B 20 33.51 9.42 2.46
C VAL B 20 32.34 8.45 2.47
N LYS B 21 31.48 8.56 3.47
CA LYS B 21 30.27 7.75 3.51
C LYS B 21 29.07 8.69 3.56
N VAL B 22 28.20 8.55 2.56
CA VAL B 22 27.00 9.36 2.42
C VAL B 22 25.82 8.54 2.88
N SER B 23 25.00 9.12 3.75
CA SER B 23 23.82 8.46 4.26
C SER B 23 22.56 9.00 3.57
N CYS B 24 21.44 8.31 3.78
CA CYS B 24 20.22 8.62 3.06
C CYS B 24 19.06 7.97 3.80
N LYS B 25 18.25 8.77 4.49
CA LYS B 25 17.11 8.21 5.19
C LYS B 25 15.88 8.21 4.29
N VAL B 26 15.24 7.05 4.18
CA VAL B 26 14.02 6.86 3.40
C VAL B 26 12.85 6.87 4.36
N SER B 27 11.81 7.64 4.04
CA SER B 27 10.62 7.71 4.85
C SER B 27 9.40 7.75 3.94
N GLY B 28 8.26 7.32 4.50
CA GLY B 28 7.01 7.29 3.77
C GLY B 28 6.85 6.13 2.81
N GLY B 29 7.91 5.38 2.55
CA GLY B 29 7.83 4.26 1.64
C GLY B 29 8.56 3.03 2.15
N THR B 30 8.01 1.85 1.86
CA THR B 30 8.61 0.60 2.30
C THR B 30 10.08 0.56 1.89
N PHE B 31 10.91 0.10 2.82
CA PHE B 31 12.37 0.16 2.67
C PHE B 31 12.98 -1.20 2.38
N ASN B 32 12.57 -2.24 3.11
CA ASN B 32 13.32 -3.49 3.11
C ASN B 32 13.29 -4.21 1.77
N THR B 33 12.23 -4.03 0.98
CA THR B 33 12.02 -4.85 -0.21
C THR B 33 12.08 -4.06 -1.51
N TYR B 34 12.52 -2.81 -1.47
CA TYR B 34 12.62 -1.97 -2.66
C TYR B 34 14.06 -1.51 -2.87
N ALA B 35 14.50 -1.53 -4.12
CA ALA B 35 15.88 -1.18 -4.44
C ALA B 35 16.16 0.26 -4.06
N ILE B 36 17.23 0.46 -3.29
CA ILE B 36 17.79 1.78 -3.02
C ILE B 36 18.97 1.95 -3.98
N ILE B 37 18.95 3.02 -4.78
CA ILE B 37 19.88 3.20 -5.89
C ILE B 37 20.72 4.45 -5.64
N TRP B 38 21.98 4.42 -6.12
CA TRP B 38 22.94 5.49 -5.88
C TRP B 38 23.49 6.01 -7.20
N VAL B 39 23.31 7.30 -7.46
CA VAL B 39 23.68 7.93 -8.72
C VAL B 39 24.45 9.22 -8.42
N ARG B 40 25.60 9.38 -9.05
CA ARG B 40 26.41 10.58 -8.86
C ARG B 40 26.47 11.39 -10.15
N GLN B 41 26.75 12.68 -9.98
CA GLN B 41 26.82 13.62 -11.10
C GLN B 41 27.96 14.58 -10.82
N ALA B 42 28.96 14.57 -11.70
CA ALA B 42 30.10 15.46 -11.55
C ALA B 42 29.73 16.85 -12.05
N PRO B 43 30.48 17.87 -11.62
CA PRO B 43 30.07 19.26 -11.91
C PRO B 43 29.92 19.51 -13.41
N GLY B 44 28.74 19.94 -13.81
CA GLY B 44 28.49 20.26 -15.21
C GLY B 44 28.64 19.06 -16.13
N GLN B 45 28.22 17.88 -15.67
CA GLN B 45 28.36 16.66 -16.45
C GLN B 45 27.12 15.82 -16.21
N GLY B 46 27.17 14.54 -16.63
CA GLY B 46 26.01 13.69 -16.67
C GLY B 46 25.90 12.72 -15.50
N LEU B 47 24.75 12.05 -15.44
CA LEU B 47 24.42 11.14 -14.36
C LEU B 47 25.12 9.80 -14.53
N GLU B 48 25.63 9.27 -13.42
CA GLU B 48 26.45 8.06 -13.42
C GLU B 48 25.92 7.10 -12.37
N TRP B 49 25.57 5.89 -12.79
CA TRP B 49 25.01 4.90 -11.89
C TRP B 49 26.13 4.17 -11.17
N MET B 50 26.05 4.13 -9.85
CA MET B 50 27.10 3.54 -9.02
C MET B 50 26.76 2.13 -8.54
N GLY B 51 25.56 1.95 -8.00
CA GLY B 51 25.17 0.67 -7.45
C GLY B 51 23.74 0.72 -6.97
N ALA B 52 23.32 -0.39 -6.36
CA ALA B 52 21.97 -0.52 -5.84
C ALA B 52 21.96 -1.65 -4.82
N ILE B 53 20.95 -1.62 -3.95
CA ILE B 53 20.79 -2.64 -2.92
C ILE B 53 19.31 -2.77 -2.59
N ILE B 54 18.81 -4.00 -2.58
CA ILE B 54 17.54 -4.33 -1.97
C ILE B 54 17.81 -4.68 -0.51
N PRO B 55 17.47 -3.82 0.44
CA PRO B 55 18.03 -3.96 1.79
C PRO B 55 17.95 -5.35 2.42
N PHE B 56 16.85 -6.09 2.26
CA PHE B 56 16.75 -7.37 2.94
C PHE B 56 17.80 -8.37 2.45
N GLN B 57 18.37 -8.15 1.27
CA GLN B 57 19.38 -9.06 0.75
C GLN B 57 20.75 -8.83 1.38
N ASP B 58 21.03 -7.61 1.83
CA ASP B 58 22.28 -7.30 2.53
C ASP B 58 23.48 -7.39 1.60
N ARG B 59 23.30 -7.05 0.33
CA ARG B 59 24.31 -7.28 -0.70
C ARG B 59 24.15 -6.21 -1.76
N GLY B 60 25.17 -5.36 -1.92
CA GLY B 60 25.12 -4.33 -2.93
C GLY B 60 25.65 -4.85 -4.27
N GLN B 61 24.96 -4.44 -5.34
CA GLN B 61 25.46 -4.63 -6.70
C GLN B 61 26.06 -3.30 -7.17
N TYR B 62 27.31 -3.33 -7.59
CA TYR B 62 28.04 -2.11 -7.92
C TYR B 62 28.47 -2.11 -9.39
N ALA B 63 28.73 -0.91 -9.90
CA ALA B 63 29.27 -0.77 -11.24
C ALA B 63 30.76 -1.14 -11.26
N GLN B 64 31.20 -1.71 -12.38
CA GLN B 64 32.56 -2.21 -12.47
C GLN B 64 33.58 -1.14 -12.09
N LYS B 65 33.29 0.11 -12.45
CA LYS B 65 34.21 1.21 -12.15
C LYS B 65 34.57 1.27 -10.67
N PHE B 66 33.61 0.98 -9.81
CA PHE B 66 33.73 1.24 -8.38
C PHE B 66 34.03 0.00 -7.55
N GLN B 67 33.91 -1.20 -8.12
CA GLN B 67 34.13 -2.42 -7.34
C GLN B 67 35.55 -2.45 -6.79
N GLY B 68 35.65 -2.65 -5.47
CA GLY B 68 36.89 -2.49 -4.75
C GLY B 68 37.02 -1.15 -4.05
N ARG B 69 36.06 -0.24 -4.26
CA ARG B 69 36.11 1.09 -3.67
C ARG B 69 34.81 1.47 -2.96
N VAL B 70 33.67 0.99 -3.46
CA VAL B 70 32.38 1.40 -2.89
C VAL B 70 31.89 0.32 -1.93
N THR B 71 30.95 0.71 -1.08
CA THR B 71 30.19 -0.23 -0.26
C THR B 71 28.83 0.43 -0.07
N ILE B 72 27.77 -0.20 -0.54
CA ILE B 72 26.41 0.26 -0.29
C ILE B 72 25.80 -0.66 0.75
N THR B 73 25.45 -0.09 1.89
CA THR B 73 24.82 -0.82 2.99
C THR B 73 23.42 -0.25 3.23
N ALA B 74 22.71 -0.85 4.19
CA ALA B 74 21.36 -0.41 4.53
C ALA B 74 21.01 -0.90 5.93
N ASP B 75 20.67 0.03 6.82
CA ASP B 75 20.23 -0.33 8.18
C ASP B 75 18.71 -0.43 8.16
N LYS B 76 18.20 -1.65 8.07
CA LYS B 76 16.74 -1.84 8.04
C LYS B 76 16.08 -1.23 9.26
N SER B 77 16.77 -1.21 10.40
CA SER B 77 16.17 -0.76 11.65
C SER B 77 15.96 0.75 11.70
N THR B 78 16.74 1.53 10.93
CA THR B 78 16.57 2.97 10.87
C THR B 78 16.08 3.44 9.51
N SER B 79 15.87 2.51 8.58
CA SER B 79 15.38 2.86 7.24
C SER B 79 16.34 3.83 6.54
N THR B 80 17.64 3.57 6.68
CA THR B 80 18.68 4.45 6.17
C THR B 80 19.68 3.65 5.35
N ALA B 81 20.03 4.17 4.18
CA ALA B 81 21.06 3.57 3.33
C ALA B 81 22.34 4.39 3.44
N TYR B 82 23.47 3.71 3.28
CA TYR B 82 24.78 4.33 3.32
C TYR B 82 25.58 3.90 2.10
N MET B 83 26.33 4.85 1.53
CA MET B 83 27.24 4.56 0.43
C MET B 83 28.60 5.12 0.81
N GLU B 84 29.61 4.26 0.85
CA GLU B 84 30.95 4.63 1.27
C GLU B 84 31.90 4.45 0.09
N LEU B 85 32.59 5.51 -0.28
CA LEU B 85 33.49 5.52 -1.42
C LEU B 85 34.89 5.86 -0.94
N SER B 86 35.84 4.97 -1.21
CA SER B 86 37.20 5.08 -0.70
C SER B 86 38.16 5.49 -1.81
N SER B 87 39.43 5.64 -1.44
CA SER B 87 40.48 6.05 -2.38
C SER B 87 40.03 7.22 -3.23
N LEU B 88 39.56 8.27 -2.55
CA LEU B 88 38.98 9.40 -3.24
C LEU B 88 39.99 10.08 -4.15
N ARG B 89 39.51 10.56 -5.30
CA ARG B 89 40.30 11.29 -6.28
C ARG B 89 39.56 12.57 -6.64
N SER B 90 40.28 13.48 -7.31
CA SER B 90 39.65 14.73 -7.72
C SER B 90 38.43 14.51 -8.59
N GLU B 91 38.42 13.43 -9.37
CA GLU B 91 37.29 13.15 -10.25
C GLU B 91 36.12 12.48 -9.54
N ASP B 92 36.29 12.09 -8.29
CA ASP B 92 35.15 11.67 -7.48
C ASP B 92 34.33 12.86 -6.98
N THR B 93 34.81 14.08 -7.20
CA THR B 93 34.02 15.27 -6.93
C THR B 93 32.75 15.25 -7.74
N ALA B 94 31.60 15.33 -7.06
CA ALA B 94 30.32 15.17 -7.71
C ALA B 94 29.21 15.28 -6.67
N VAL B 95 27.99 15.44 -7.15
CA VAL B 95 26.82 15.40 -6.30
C VAL B 95 26.26 13.99 -6.34
N TYR B 96 26.23 13.32 -5.19
CA TYR B 96 25.79 11.94 -5.09
C TYR B 96 24.34 11.89 -4.63
N TYR B 97 23.53 11.12 -5.35
CA TYR B 97 22.10 10.99 -5.08
C TYR B 97 21.78 9.55 -4.67
N CYS B 98 20.86 9.42 -3.72
CA CYS B 98 20.18 8.16 -3.47
C CYS B 98 18.79 8.24 -4.10
N ALA B 99 18.33 7.13 -4.64
CA ALA B 99 16.99 7.04 -5.20
C ALA B 99 16.42 5.68 -4.86
N LYS B 100 15.09 5.57 -4.89
CA LYS B 100 14.42 4.31 -4.63
C LYS B 100 13.35 4.07 -5.67
N GLU B 101 13.16 2.81 -6.04
CA GLU B 101 12.02 2.42 -6.85
C GLU B 101 10.85 2.08 -5.93
N SER B 102 9.65 2.14 -6.50
CA SER B 102 8.40 2.07 -5.74
C SER B 102 7.44 1.08 -6.38
N GLY B 103 7.94 -0.09 -6.79
CA GLY B 103 7.11 -1.08 -7.43
C GLY B 103 6.91 -0.90 -8.92
N ARG B 104 7.53 0.10 -9.54
CA ARG B 104 7.43 0.31 -10.98
C ARG B 104 8.78 0.24 -11.67
N ALA B 105 9.81 -0.26 -11.00
CA ALA B 105 11.13 -0.51 -11.57
C ALA B 105 11.98 0.75 -11.70
N VAL B 106 11.41 1.83 -12.25
CA VAL B 106 12.12 3.08 -12.33
C VAL B 106 12.43 3.61 -10.93
N ALA B 107 13.57 4.29 -10.79
CA ALA B 107 13.86 5.05 -9.58
C ALA B 107 13.03 6.33 -9.63
N ASP B 108 11.87 6.32 -8.94
CA ASP B 108 10.91 7.41 -9.04
C ASP B 108 10.92 8.35 -7.84
N ARG B 109 11.71 8.06 -6.81
CA ARG B 109 11.84 8.93 -5.64
C ARG B 109 13.32 9.22 -5.42
N TRP B 110 13.67 10.50 -5.31
CA TRP B 110 15.06 10.94 -5.33
C TRP B 110 15.38 11.83 -4.14
N GLY B 111 16.56 11.62 -3.56
CA GLY B 111 17.06 12.50 -2.55
C GLY B 111 17.45 13.86 -3.11
N GLN B 112 17.84 14.76 -2.21
CA GLN B 112 18.16 16.12 -2.61
C GLN B 112 19.58 16.26 -3.17
N GLY B 113 20.46 15.31 -2.89
CA GLY B 113 21.82 15.37 -3.36
C GLY B 113 22.81 15.73 -2.25
N THR B 114 24.02 15.19 -2.35
CA THR B 114 25.10 15.47 -1.40
C THR B 114 26.35 15.84 -2.20
N LEU B 115 26.88 17.04 -1.97
CA LEU B 115 28.07 17.49 -2.66
C LEU B 115 29.30 16.94 -1.95
N VAL B 116 30.10 16.14 -2.65
CA VAL B 116 31.41 15.71 -2.18
C VAL B 116 32.46 16.38 -3.06
N THR B 117 33.44 17.00 -2.42
CA THR B 117 34.55 17.65 -3.11
C THR B 117 35.85 17.05 -2.61
N VAL B 118 36.74 16.73 -3.54
CA VAL B 118 38.06 16.18 -3.22
C VAL B 118 39.09 17.24 -3.62
N SER B 119 39.69 17.87 -2.62
CA SER B 119 40.72 18.88 -2.84
C SER B 119 41.81 18.70 -1.79
N SER B 120 43.04 19.00 -2.18
CA SER B 120 44.19 18.85 -1.30
C SER B 120 44.06 19.77 -0.09
N ASP B 146 27.92 -3.72 -21.60
CA ASP B 146 27.20 -2.59 -21.03
C ASP B 146 26.50 -1.77 -22.12
N ILE B 147 25.27 -1.35 -21.85
CA ILE B 147 24.48 -0.61 -22.84
C ILE B 147 24.92 0.84 -22.85
N VAL B 148 24.91 1.45 -24.04
CA VAL B 148 25.31 2.83 -24.25
C VAL B 148 24.08 3.63 -24.67
N MET B 149 23.78 4.70 -23.94
CA MET B 149 22.67 5.60 -24.25
C MET B 149 23.22 6.88 -24.84
N THR B 150 22.75 7.23 -26.05
CA THR B 150 23.19 8.42 -26.75
C THR B 150 21.99 9.33 -26.99
N GLN B 151 22.10 10.58 -26.57
CA GLN B 151 20.98 11.51 -26.55
C GLN B 151 21.30 12.72 -27.42
N SER B 152 20.39 13.04 -28.33
CA SER B 152 20.47 14.23 -29.15
C SER B 152 19.10 14.89 -29.20
N PRO B 153 19.04 16.22 -29.32
CA PRO B 153 20.14 17.19 -29.42
C PRO B 153 20.98 17.30 -28.14
N ALA B 154 22.28 17.57 -28.31
CA ALA B 154 23.14 17.79 -27.14
C ALA B 154 22.75 19.07 -26.42
N SER B 155 22.23 20.05 -27.14
CA SER B 155 21.69 21.27 -26.56
C SER B 155 20.52 21.73 -27.42
N LEU B 156 19.71 22.61 -26.85
CA LEU B 156 18.55 23.12 -27.57
C LEU B 156 18.19 24.50 -27.04
N ALA B 157 17.44 25.24 -27.85
CA ALA B 157 16.94 26.56 -27.45
C ALA B 157 15.72 26.84 -28.31
N LEU B 158 14.55 26.94 -27.69
CA LEU B 158 13.30 27.12 -28.41
C LEU B 158 12.44 28.14 -27.69
N SER B 159 11.55 28.77 -28.45
CA SER B 159 10.69 29.82 -27.93
C SER B 159 9.43 29.23 -27.30
N LEU B 160 8.76 30.05 -26.50
CA LEU B 160 7.56 29.60 -25.80
C LEU B 160 6.49 29.18 -26.80
N GLY B 161 5.87 28.03 -26.53
CA GLY B 161 4.83 27.49 -27.37
C GLY B 161 5.31 26.46 -28.38
N GLU B 162 6.59 26.47 -28.72
CA GLU B 162 7.10 25.58 -29.74
C GLU B 162 7.19 24.14 -29.21
N ARG B 163 7.39 23.22 -30.14
CA ARG B 163 7.56 21.80 -29.83
C ARG B 163 9.04 21.46 -29.79
N ALA B 164 9.42 20.62 -28.83
CA ALA B 164 10.78 20.11 -28.71
C ALA B 164 10.73 18.59 -28.74
N THR B 165 11.63 18.00 -29.54
CA THR B 165 11.70 16.54 -29.69
C THR B 165 13.13 16.10 -29.35
N LEU B 166 13.28 15.35 -28.27
CA LEU B 166 14.55 14.78 -27.88
C LEU B 166 14.62 13.32 -28.32
N TYR B 167 15.85 12.81 -28.41
CA TYR B 167 16.09 11.47 -28.92
C TYR B 167 17.01 10.71 -27.97
N CYS B 168 16.94 9.39 -28.06
CA CYS B 168 17.72 8.50 -27.21
C CYS B 168 17.96 7.21 -27.99
N ARG B 169 19.22 6.83 -28.10
CA ARG B 169 19.63 5.61 -28.80
C ARG B 169 20.27 4.67 -27.79
N ALA B 170 20.20 3.37 -28.06
CA ALA B 170 20.76 2.35 -27.20
C ALA B 170 21.53 1.34 -28.03
N SER B 171 22.70 0.93 -27.52
CA SER B 171 23.51 -0.05 -28.24
C SER B 171 22.77 -1.35 -28.45
N HIS B 172 22.15 -1.86 -27.38
CA HIS B 172 21.31 -3.06 -27.44
C HIS B 172 19.88 -2.69 -27.08
N SER B 173 18.93 -3.48 -27.56
CA SER B 173 17.52 -3.21 -27.30
C SER B 173 17.24 -3.24 -25.81
N ILE B 174 16.57 -2.20 -25.33
CA ILE B 174 16.12 -2.12 -23.95
C ILE B 174 14.62 -2.40 -23.83
N SER B 175 14.02 -3.01 -24.86
CA SER B 175 12.57 -3.25 -24.91
C SER B 175 11.90 -1.90 -24.72
N SER B 176 10.94 -1.77 -23.81
CA SER B 176 10.31 -0.49 -23.53
C SER B 176 10.75 0.10 -22.20
N TRP B 177 11.73 -0.49 -21.53
CA TRP B 177 12.16 -0.03 -20.21
C TRP B 177 13.06 1.20 -20.34
N LEU B 178 12.43 2.35 -20.65
CA LEU B 178 13.14 3.60 -20.80
C LEU B 178 12.43 4.71 -20.02
N ALA B 179 13.21 5.56 -19.36
CA ALA B 179 12.67 6.64 -18.55
C ALA B 179 13.30 7.96 -18.94
N TRP B 180 12.52 9.04 -18.77
CA TRP B 180 12.96 10.40 -19.02
C TRP B 180 12.91 11.21 -17.74
N TYR B 181 13.94 12.01 -17.50
CA TYR B 181 14.06 12.82 -16.30
C TYR B 181 14.26 14.28 -16.67
N GLN B 182 13.92 15.16 -15.72
CA GLN B 182 14.12 16.59 -15.85
C GLN B 182 14.88 17.08 -14.63
N GLN B 183 16.09 17.60 -14.84
CA GLN B 183 16.92 18.13 -13.76
C GLN B 183 17.02 19.65 -13.92
N LYS B 184 16.38 20.36 -13.00
CA LYS B 184 16.56 21.80 -12.88
C LYS B 184 17.91 22.10 -12.23
N PRO B 185 18.37 23.34 -12.34
CA PRO B 185 19.69 23.68 -11.76
C PRO B 185 19.65 23.64 -10.23
N GLY B 186 20.61 22.92 -9.64
CA GLY B 186 20.68 22.82 -8.20
C GLY B 186 19.64 21.91 -7.58
N LYS B 187 18.97 21.09 -8.39
CA LYS B 187 17.92 20.21 -7.94
C LYS B 187 18.29 18.77 -8.29
N ALA B 188 17.42 17.84 -7.93
CA ALA B 188 17.58 16.43 -8.23
C ALA B 188 16.81 16.07 -9.49
N PRO B 189 17.19 14.99 -10.16
CA PRO B 189 16.41 14.56 -11.32
C PRO B 189 14.98 14.23 -10.92
N LYS B 190 14.05 14.62 -11.78
CA LYS B 190 12.62 14.44 -11.59
C LYS B 190 12.10 13.52 -12.70
N LEU B 191 11.37 12.47 -12.31
CA LEU B 191 10.85 11.53 -13.29
C LEU B 191 9.66 12.14 -14.04
N LEU B 192 9.67 12.02 -15.36
CA LEU B 192 8.61 12.50 -16.22
C LEU B 192 7.84 11.38 -16.88
N ILE B 193 8.54 10.40 -17.45
CA ILE B 193 7.94 9.30 -18.18
C ILE B 193 8.69 8.03 -17.81
N TYR B 194 7.94 6.93 -17.69
CA TYR B 194 8.52 5.63 -17.43
C TYR B 194 7.85 4.61 -18.36
N LYS B 195 8.20 3.34 -18.20
CA LYS B 195 7.92 2.35 -19.22
C LYS B 195 8.53 2.92 -20.51
N ALA B 196 7.72 3.31 -21.48
CA ALA B 196 8.23 4.15 -22.57
C ALA B 196 7.29 5.29 -22.92
N SER B 197 6.03 5.26 -22.48
CA SER B 197 5.07 6.31 -22.72
C SER B 197 4.26 6.67 -21.50
N THR B 198 4.38 5.93 -20.40
CA THR B 198 3.55 6.17 -19.23
C THR B 198 4.00 7.44 -18.52
N LEU B 199 3.05 8.34 -18.25
CA LEU B 199 3.35 9.59 -17.58
C LEU B 199 3.28 9.40 -16.06
N GLU B 200 4.29 9.91 -15.37
CA GLU B 200 4.26 9.96 -13.92
C GLU B 200 3.14 10.89 -13.45
N SER B 201 2.67 10.66 -12.23
CA SER B 201 1.62 11.48 -11.67
C SER B 201 2.07 12.94 -11.57
N GLY B 202 1.14 13.85 -11.84
CA GLY B 202 1.39 15.27 -11.71
C GLY B 202 2.10 15.93 -12.87
N VAL B 203 2.56 15.16 -13.86
CA VAL B 203 3.29 15.70 -14.99
C VAL B 203 2.27 16.12 -16.04
N PRO B 204 2.26 17.39 -16.47
CA PRO B 204 1.20 17.85 -17.38
C PRO B 204 1.20 17.09 -18.71
N SER B 205 0.04 17.14 -19.38
CA SER B 205 -0.20 16.30 -20.54
C SER B 205 0.56 16.73 -21.79
N ARG B 206 1.24 17.89 -21.76
CA ARG B 206 2.03 18.29 -22.92
C ARG B 206 3.23 17.37 -23.15
N PHE B 207 3.65 16.63 -22.12
CA PHE B 207 4.75 15.68 -22.28
C PHE B 207 4.25 14.36 -22.87
N SER B 208 5.07 13.73 -23.69
CA SER B 208 4.72 12.49 -24.34
C SER B 208 5.98 11.69 -24.62
N GLY B 209 5.82 10.38 -24.67
CA GLY B 209 6.93 9.50 -24.95
C GLY B 209 6.56 8.37 -25.88
N SER B 210 7.40 8.10 -26.87
CA SER B 210 7.18 7.01 -27.81
C SER B 210 8.50 6.28 -28.05
N GLY B 211 8.40 5.01 -28.38
CA GLY B 211 9.57 4.23 -28.76
C GLY B 211 9.59 2.84 -28.15
N SER B 212 10.47 2.00 -28.72
CA SER B 212 10.69 0.63 -28.27
C SER B 212 11.95 0.11 -28.95
N GLY B 213 12.62 -0.84 -28.29
CA GLY B 213 13.84 -1.38 -28.83
C GLY B 213 15.05 -0.53 -28.53
N THR B 214 15.62 0.11 -29.56
CA THR B 214 16.85 0.88 -29.41
C THR B 214 16.67 2.37 -29.67
N GLU B 215 15.55 2.80 -30.25
CA GLU B 215 15.34 4.20 -30.61
C GLU B 215 14.07 4.70 -29.94
N PHE B 216 14.17 5.84 -29.26
CA PHE B 216 13.04 6.42 -28.54
C PHE B 216 13.04 7.93 -28.75
N THR B 217 11.91 8.56 -28.40
CA THR B 217 11.77 10.00 -28.52
C THR B 217 10.94 10.55 -27.35
N LEU B 218 11.31 11.74 -26.91
CA LEU B 218 10.50 12.55 -26.01
C LEU B 218 9.97 13.76 -26.77
N THR B 219 8.76 14.20 -26.45
CA THR B 219 8.15 15.31 -27.16
C THR B 219 7.30 16.14 -26.20
N ILE B 220 7.61 17.42 -26.12
CA ILE B 220 6.79 18.40 -25.42
C ILE B 220 6.02 19.19 -26.49
N SER B 221 4.77 19.51 -26.20
CA SER B 221 3.92 20.14 -27.21
C SER B 221 3.96 21.67 -27.13
N SER B 222 3.89 22.24 -25.92
CA SER B 222 3.86 23.69 -25.73
C SER B 222 4.83 24.05 -24.61
N LEU B 223 6.05 24.41 -24.99
CA LEU B 223 7.05 24.83 -24.01
C LEU B 223 6.50 25.95 -23.15
N GLN B 224 6.72 25.85 -21.85
CA GLN B 224 6.27 26.82 -20.86
C GLN B 224 7.44 27.18 -19.97
N PRO B 225 7.32 28.26 -19.19
CA PRO B 225 8.49 28.75 -18.43
C PRO B 225 9.19 27.67 -17.59
N ASP B 226 8.44 26.77 -16.96
CA ASP B 226 9.06 25.79 -16.07
C ASP B 226 9.80 24.69 -16.82
N ASP B 227 9.67 24.60 -18.16
CA ASP B 227 10.20 23.47 -18.91
C ASP B 227 11.68 23.60 -19.23
N PHE B 228 12.30 24.74 -18.97
CA PHE B 228 13.68 24.95 -19.39
C PHE B 228 14.61 24.39 -18.32
N ALA B 229 15.18 23.21 -18.62
CA ALA B 229 16.11 22.54 -17.72
C ALA B 229 16.90 21.53 -18.55
N THR B 230 17.69 20.70 -17.87
CA THR B 230 18.43 19.64 -18.52
C THR B 230 17.61 18.35 -18.47
N TYR B 231 17.61 17.62 -19.59
CA TYR B 231 16.84 16.39 -19.72
C TYR B 231 17.77 15.22 -20.01
N TYR B 232 17.44 14.07 -19.43
CA TYR B 232 18.23 12.85 -19.60
C TYR B 232 17.29 11.69 -19.88
N CYS B 233 17.75 10.76 -20.73
CA CYS B 233 17.11 9.47 -20.85
C CYS B 233 17.91 8.43 -20.05
N GLN B 234 17.24 7.32 -19.73
CA GLN B 234 17.85 6.31 -18.90
C GLN B 234 17.24 4.95 -19.19
N GLN B 235 18.09 3.98 -19.52
CA GLN B 235 17.66 2.60 -19.65
C GLN B 235 17.76 1.92 -18.29
N TYR B 236 16.67 1.28 -17.87
CA TYR B 236 16.68 0.41 -16.69
C TYR B 236 16.35 -1.02 -17.09
N LYS B 237 16.78 -1.41 -18.29
CA LYS B 237 16.65 -2.80 -18.72
C LYS B 237 17.52 -3.71 -17.87
N SER B 238 18.75 -3.31 -17.60
CA SER B 238 19.69 -4.18 -16.91
C SER B 238 20.79 -3.35 -16.25
N TYR B 239 21.24 -3.82 -15.08
CA TYR B 239 22.39 -3.21 -14.44
C TYR B 239 23.65 -3.49 -15.27
N PRO B 240 24.53 -2.50 -15.47
CA PRO B 240 24.44 -1.13 -14.95
C PRO B 240 23.46 -0.24 -15.71
N TRP B 241 22.57 0.42 -15.00
CA TRP B 241 21.75 1.47 -15.61
C TRP B 241 22.66 2.55 -16.18
N THR B 242 22.26 3.11 -17.32
CA THR B 242 23.08 4.10 -18.01
C THR B 242 22.21 5.25 -18.50
N PHE B 243 22.80 6.44 -18.53
CA PHE B 243 22.10 7.67 -18.86
C PHE B 243 22.66 8.28 -20.14
N GLY B 244 21.77 8.84 -20.96
CA GLY B 244 22.20 9.70 -22.03
C GLY B 244 22.97 10.89 -21.49
N GLN B 245 23.93 11.38 -22.28
CA GLN B 245 24.76 12.48 -21.82
C GLN B 245 23.98 13.74 -21.54
N GLY B 246 22.74 13.84 -21.99
CA GLY B 246 21.88 14.94 -21.61
C GLY B 246 21.55 15.83 -22.80
N THR B 247 20.39 16.49 -22.71
CA THR B 247 19.93 17.45 -23.71
C THR B 247 19.47 18.70 -22.98
N LYS B 248 20.26 19.77 -23.04
CA LYS B 248 19.89 21.00 -22.38
C LYS B 248 18.83 21.73 -23.19
N LEU B 249 17.91 22.40 -22.49
CA LEU B 249 16.85 23.19 -23.08
C LEU B 249 16.95 24.61 -22.55
N GLU B 250 17.14 25.58 -23.45
CA GLU B 250 17.43 26.95 -23.09
C GLU B 250 16.38 27.88 -23.68
N ILE B 251 16.24 29.06 -23.05
CA ILE B 251 15.26 30.06 -23.47
C ILE B 251 15.82 30.87 -24.64
N GLU C 3 -19.02 -1.53 34.09
CA GLU C 3 -19.07 -2.42 32.88
C GLU C 3 -18.68 -1.63 31.61
N VAL C 4 -18.45 -0.32 31.74
CA VAL C 4 -17.88 0.46 30.65
C VAL C 4 -16.39 0.16 30.58
N GLN C 5 -15.94 -0.34 29.43
CA GLN C 5 -14.58 -0.84 29.28
C GLN C 5 -13.70 0.02 28.39
N LEU C 6 -14.27 0.99 27.68
CA LEU C 6 -13.50 1.97 26.92
C LEU C 6 -14.06 3.34 27.26
N VAL C 7 -13.18 4.23 27.71
CA VAL C 7 -13.58 5.56 28.17
C VAL C 7 -12.73 6.57 27.41
N GLU C 8 -13.37 7.31 26.50
CA GLU C 8 -12.69 8.31 25.70
C GLU C 8 -12.59 9.62 26.46
N SER C 9 -11.54 10.39 26.17
CA SER C 9 -11.28 11.67 26.82
C SER C 9 -10.74 12.65 25.78
N GLY C 10 -10.53 13.89 26.21
CA GLY C 10 -9.90 14.88 25.36
C GLY C 10 -10.80 15.56 24.37
N GLY C 11 -12.10 15.27 24.40
CA GLY C 11 -13.05 15.93 23.53
C GLY C 11 -13.42 17.30 24.06
N GLY C 12 -14.51 17.84 23.50
CA GLY C 12 -15.01 19.14 23.89
C GLY C 12 -14.90 20.16 22.77
N LEU C 13 -14.86 21.43 23.16
CA LEU C 13 -14.86 22.52 22.21
C LEU C 13 -13.46 22.76 21.66
N VAL C 14 -13.40 23.18 20.39
CA VAL C 14 -12.16 23.63 19.76
C VAL C 14 -12.56 24.51 18.58
N LYS C 15 -11.80 25.55 18.35
CA LYS C 15 -12.16 26.45 17.27
C LYS C 15 -11.61 25.95 15.95
N PRO C 16 -12.19 26.36 14.83
CA PRO C 16 -11.72 25.88 13.52
C PRO C 16 -10.24 26.18 13.32
N GLY C 17 -9.52 25.18 12.83
CA GLY C 17 -8.09 25.27 12.68
C GLY C 17 -7.31 24.90 13.93
N GLY C 18 -7.99 24.59 15.03
CA GLY C 18 -7.33 24.18 16.25
C GLY C 18 -7.04 22.70 16.26
N SER C 19 -6.47 22.25 17.37
CA SER C 19 -6.03 20.88 17.52
C SER C 19 -6.59 20.28 18.80
N LEU C 20 -6.92 19.00 18.73
CA LEU C 20 -7.30 18.22 19.88
C LEU C 20 -6.54 16.90 19.86
N ARG C 21 -6.44 16.28 21.03
CA ARG C 21 -5.92 14.92 21.16
C ARG C 21 -6.89 14.15 22.05
N LEU C 22 -7.59 13.21 21.45
CA LEU C 22 -8.45 12.30 22.20
C LEU C 22 -7.61 11.15 22.75
N SER C 23 -8.07 10.58 23.85
CA SER C 23 -7.45 9.43 24.45
C SER C 23 -8.54 8.45 24.85
N CYS C 24 -8.23 7.15 24.73
CA CYS C 24 -9.13 6.08 25.13
C CYS C 24 -8.39 5.22 26.13
N ALA C 25 -8.98 5.04 27.30
CA ALA C 25 -8.45 4.16 28.34
C ALA C 25 -9.24 2.85 28.32
N ALA C 26 -8.53 1.74 28.20
CA ALA C 26 -9.14 0.42 28.10
C ALA C 26 -8.95 -0.34 29.39
N SER C 27 -9.93 -1.16 29.73
CA SER C 27 -9.88 -2.00 30.92
C SER C 27 -10.68 -3.27 30.67
N ALA C 28 -10.37 -4.29 31.45
CA ALA C 28 -11.05 -5.58 31.56
C ALA C 28 -10.63 -6.54 30.45
N PHE C 29 -9.91 -6.08 29.42
CA PHE C 29 -9.37 -6.98 28.40
C PHE C 29 -7.89 -6.66 28.22
N THR C 30 -7.19 -7.52 27.46
CA THR C 30 -5.76 -7.36 27.21
C THR C 30 -5.58 -6.45 26.01
N PHE C 31 -5.41 -5.16 26.29
CA PHE C 31 -5.37 -4.14 25.24
C PHE C 31 -4.36 -4.49 24.17
N SER C 32 -3.18 -4.93 24.57
CA SER C 32 -2.04 -5.03 23.65
C SER C 32 -2.27 -6.04 22.54
N SER C 33 -3.29 -6.88 22.62
CA SER C 33 -3.45 -7.95 21.64
C SER C 33 -4.60 -7.73 20.68
N TYR C 34 -5.20 -6.54 20.66
CA TYR C 34 -6.35 -6.24 19.84
C TYR C 34 -6.12 -5.05 18.92
N THR C 35 -6.61 -5.17 17.69
CA THR C 35 -6.77 -3.99 16.83
C THR C 35 -7.73 -3.00 17.49
N MET C 36 -7.37 -1.72 17.44
CA MET C 36 -8.20 -0.64 17.96
C MET C 36 -8.57 0.32 16.83
N ASN C 37 -9.70 1.00 16.99
CA ASN C 37 -10.29 1.80 15.94
C ASN C 37 -10.94 3.04 16.53
N TRP C 38 -11.11 4.05 15.68
CA TRP C 38 -11.90 5.23 15.99
C TRP C 38 -13.05 5.30 15.00
N VAL C 39 -14.25 5.55 15.51
CA VAL C 39 -15.45 5.75 14.71
C VAL C 39 -16.09 7.06 15.18
N ARG C 40 -16.81 7.73 14.28
CA ARG C 40 -17.44 8.99 14.64
C ARG C 40 -18.85 9.06 14.08
N GLN C 41 -19.62 9.99 14.63
CA GLN C 41 -21.01 10.19 14.26
C GLN C 41 -21.27 11.69 14.26
N ALA C 42 -21.38 12.28 13.08
CA ALA C 42 -21.74 13.69 12.99
C ALA C 42 -23.20 13.85 13.40
N PRO C 43 -23.58 15.06 13.83
CA PRO C 43 -24.96 15.26 14.32
C PRO C 43 -26.00 14.97 13.26
N GLY C 44 -26.92 14.06 13.59
CA GLY C 44 -27.99 13.69 12.69
C GLY C 44 -27.61 12.68 11.62
N LYS C 45 -26.41 12.11 11.69
CA LYS C 45 -25.90 11.18 10.69
C LYS C 45 -25.58 9.85 11.36
N GLY C 46 -25.11 8.90 10.55
CA GLY C 46 -24.79 7.58 11.04
C GLY C 46 -23.36 7.47 11.49
N LEU C 47 -22.95 6.24 11.76
CA LEU C 47 -21.57 5.97 12.14
C LEU C 47 -20.68 6.03 10.90
N GLU C 48 -19.43 6.45 11.12
CA GLU C 48 -18.43 6.60 10.05
C GLU C 48 -17.08 6.20 10.62
N TRP C 49 -16.43 5.21 10.01
CA TRP C 49 -15.11 4.80 10.47
C TRP C 49 -14.09 5.92 10.21
N VAL C 50 -13.19 6.10 11.18
CA VAL C 50 -12.18 7.14 11.13
C VAL C 50 -10.79 6.56 10.91
N SER C 51 -10.38 5.61 11.74
CA SER C 51 -9.01 5.11 11.68
C SER C 51 -8.89 3.80 12.44
N SER C 52 -7.90 2.99 12.03
CA SER C 52 -7.61 1.72 12.67
C SER C 52 -6.10 1.52 12.81
N ILE C 53 -5.71 0.86 13.91
CA ILE C 53 -4.31 0.55 14.19
C ILE C 53 -4.24 -0.85 14.79
N THR C 54 -3.40 -1.69 14.20
CA THR C 54 -3.28 -3.07 14.68
C THR C 54 -2.50 -3.12 15.99
N SER C 55 -2.44 -4.31 16.57
CA SER C 55 -1.94 -4.47 17.93
C SER C 55 -0.49 -4.03 18.04
N ASP C 56 0.33 -4.39 17.05
CA ASP C 56 1.74 -4.01 17.00
C ASP C 56 1.99 -2.74 16.22
N SER C 57 0.94 -1.98 15.88
CA SER C 57 1.05 -0.71 15.16
C SER C 57 1.66 -0.86 13.78
N ARG C 58 1.75 -2.08 13.24
CA ARG C 58 2.36 -2.26 11.92
C ARG C 58 1.47 -1.68 10.81
N TYR C 59 0.16 -1.74 10.99
CA TYR C 59 -0.79 -1.32 9.98
C TYR C 59 -1.69 -0.25 10.57
N ILE C 60 -1.73 0.89 9.89
CA ILE C 60 -2.57 2.01 10.27
C ILE C 60 -3.38 2.39 9.05
N TYR C 61 -4.67 2.66 9.25
CA TYR C 61 -5.59 2.99 8.17
C TYR C 61 -6.39 4.23 8.54
N TYR C 62 -6.70 5.03 7.54
CA TYR C 62 -7.41 6.28 7.73
C TYR C 62 -8.52 6.40 6.70
N ALA C 63 -9.59 7.10 7.09
CA ALA C 63 -10.59 7.52 6.11
C ALA C 63 -9.98 8.60 5.22
N ASP C 64 -10.32 8.55 3.93
CA ASP C 64 -9.68 9.45 2.98
C ASP C 64 -9.89 10.91 3.36
N SER C 65 -11.11 11.26 3.79
CA SER C 65 -11.40 12.63 4.17
C SER C 65 -10.70 13.06 5.45
N MET C 66 -9.96 12.18 6.11
CA MET C 66 -9.28 12.52 7.34
C MET C 66 -7.78 12.23 7.32
N LYS C 67 -7.27 11.55 6.29
CA LYS C 67 -5.84 11.42 6.10
C LYS C 67 -5.16 12.78 6.26
N GLY C 68 -3.95 12.76 6.79
CA GLY C 68 -3.13 13.95 6.86
C GLY C 68 -3.42 14.87 8.03
N ARG C 69 -4.66 14.86 8.51
CA ARG C 69 -5.06 15.71 9.62
C ARG C 69 -5.22 14.98 10.94
N PHE C 70 -5.62 13.71 10.90
CA PHE C 70 -5.75 12.90 12.10
C PHE C 70 -4.62 11.88 12.15
N THR C 71 -4.16 11.59 13.36
CA THR C 71 -3.13 10.59 13.59
C THR C 71 -3.54 9.68 14.73
N ILE C 72 -3.52 8.38 14.48
CA ILE C 72 -3.81 7.37 15.49
C ILE C 72 -2.50 6.78 15.97
N SER C 73 -2.48 6.43 17.26
CA SER C 73 -1.35 5.74 17.87
C SER C 73 -1.87 5.01 19.10
N ARG C 74 -1.02 4.16 19.67
CA ARG C 74 -1.39 3.39 20.84
C ARG C 74 -0.16 3.21 21.72
N ASP C 75 -0.37 3.22 23.04
CA ASP C 75 0.64 2.93 24.04
C ASP C 75 0.20 1.65 24.73
N ASN C 76 0.82 0.52 24.36
CA ASN C 76 0.35 -0.75 24.88
C ASN C 76 0.67 -0.92 26.34
N ALA C 77 1.78 -0.35 26.80
CA ALA C 77 2.11 -0.41 28.22
C ALA C 77 1.15 0.42 29.07
N LYS C 78 0.48 1.39 28.47
CA LYS C 78 -0.48 2.23 29.19
C LYS C 78 -1.94 1.90 28.85
N ASN C 79 -2.18 0.88 28.02
CA ASN C 79 -3.53 0.48 27.61
C ASN C 79 -4.35 1.68 27.17
N SER C 80 -3.75 2.48 26.30
CA SER C 80 -4.36 3.71 25.84
C SER C 80 -4.29 3.82 24.33
N LEU C 81 -5.28 4.51 23.78
CA LEU C 81 -5.38 4.82 22.36
C LEU C 81 -5.42 6.34 22.24
N SER C 82 -4.94 6.85 21.10
CA SER C 82 -4.86 8.28 20.90
C SER C 82 -5.37 8.62 19.51
N LEU C 83 -5.97 9.80 19.39
CA LEU C 83 -6.32 10.38 18.11
C LEU C 83 -5.87 11.84 18.15
N GLN C 84 -4.80 12.15 17.43
CA GLN C 84 -4.40 13.52 17.24
C GLN C 84 -5.23 14.11 16.10
N MET C 85 -5.91 15.21 16.36
CA MET C 85 -6.74 15.89 15.38
C MET C 85 -6.18 17.29 15.17
N ASP C 86 -5.75 17.59 13.94
CA ASP C 86 -5.12 18.86 13.63
C ASP C 86 -5.83 19.53 12.46
N SER C 87 -5.67 20.85 12.38
CA SER C 87 -6.38 21.69 11.43
C SER C 87 -7.85 21.26 11.32
N LEU C 88 -8.52 21.29 12.48
CA LEU C 88 -9.90 20.85 12.54
C LEU C 88 -10.80 21.75 11.71
N ARG C 89 -11.87 21.16 11.19
CA ARG C 89 -12.88 21.86 10.41
C ARG C 89 -14.23 21.66 11.09
N VAL C 90 -15.19 22.51 10.70
CA VAL C 90 -16.52 22.42 11.32
C VAL C 90 -17.15 21.06 11.06
N GLU C 91 -16.91 20.48 9.88
CA GLU C 91 -17.48 19.17 9.54
C GLU C 91 -16.86 18.02 10.32
N ASP C 92 -15.81 18.26 11.10
CA ASP C 92 -15.28 17.23 11.97
C ASP C 92 -16.05 17.14 13.29
N THR C 93 -16.99 18.06 13.53
CA THR C 93 -17.85 17.96 14.70
C THR C 93 -18.62 16.64 14.68
N ALA C 94 -18.51 15.90 15.78
CA ALA C 94 -19.16 14.60 15.89
C ALA C 94 -18.85 14.02 17.27
N ILE C 95 -19.52 12.91 17.58
CA ILE C 95 -19.14 12.06 18.70
C ILE C 95 -18.10 11.06 18.21
N TYR C 96 -16.98 10.96 18.90
CA TYR C 96 -15.90 10.07 18.52
C TYR C 96 -15.91 8.87 19.48
N TYR C 97 -16.01 7.68 18.91
CA TYR C 97 -16.09 6.46 19.68
C TYR C 97 -14.80 5.67 19.51
N CYS C 98 -14.32 5.15 20.61
CA CYS C 98 -13.26 4.16 20.64
C CYS C 98 -13.88 2.78 20.50
N ALA C 99 -13.28 1.94 19.67
CA ALA C 99 -13.82 0.61 19.45
C ALA C 99 -12.68 -0.38 19.26
N ARG C 100 -12.90 -1.57 19.80
CA ARG C 100 -11.99 -2.69 19.63
C ARG C 100 -12.44 -3.53 18.44
N GLY C 101 -11.47 -4.00 17.66
CA GLY C 101 -11.74 -4.86 16.53
C GLY C 101 -11.38 -6.30 16.86
N ASP C 102 -12.05 -7.24 16.18
CA ASP C 102 -11.82 -8.66 16.40
C ASP C 102 -10.97 -9.29 15.30
N GLY C 103 -10.03 -8.55 14.76
CA GLY C 103 -9.15 -9.06 13.72
C GLY C 103 -8.13 -8.01 13.36
N GLY C 104 -7.27 -8.35 12.40
CA GLY C 104 -6.23 -7.43 12.00
C GLY C 104 -5.66 -7.69 10.62
N GLY C 105 -6.29 -8.58 9.85
CA GLY C 105 -5.80 -8.97 8.55
C GLY C 105 -6.67 -8.48 7.41
N MET C 106 -6.30 -8.94 6.20
CA MET C 106 -6.98 -8.46 5.00
C MET C 106 -8.47 -8.82 4.97
N ALA C 107 -8.91 -9.82 5.74
CA ALA C 107 -10.33 -10.13 5.78
C ALA C 107 -11.15 -9.03 6.44
N GLY C 108 -10.51 -8.06 7.10
CA GLY C 108 -11.23 -7.03 7.81
C GLY C 108 -11.73 -7.55 9.15
N TRP C 109 -12.38 -6.68 9.90
CA TRP C 109 -12.88 -7.05 11.21
C TRP C 109 -14.13 -6.27 11.55
N TYR C 110 -14.80 -6.67 12.62
CA TYR C 110 -15.93 -5.96 13.17
C TYR C 110 -15.50 -5.28 14.46
N PHE C 111 -16.38 -4.44 14.98
CA PHE C 111 -16.11 -3.65 16.19
C PHE C 111 -16.93 -4.27 17.31
N ASP C 112 -16.30 -5.13 18.12
CA ASP C 112 -17.02 -5.94 19.09
C ASP C 112 -17.06 -5.34 20.48
N LEU C 113 -16.50 -4.15 20.68
CA LEU C 113 -16.55 -3.47 21.96
C LEU C 113 -16.33 -1.99 21.72
N TRP C 114 -17.16 -1.16 22.36
CA TRP C 114 -17.16 0.27 22.10
C TRP C 114 -17.21 1.04 23.41
N GLY C 115 -16.83 2.32 23.34
CA GLY C 115 -17.10 3.26 24.40
C GLY C 115 -18.33 4.09 24.08
N ARG C 116 -18.68 4.95 25.04
CA ARG C 116 -19.88 5.78 24.89
C ARG C 116 -19.62 7.00 24.01
N GLY C 117 -18.37 7.34 23.78
CA GLY C 117 -18.03 8.42 22.88
C GLY C 117 -17.79 9.72 23.62
N THR C 118 -16.97 10.57 23.02
CA THR C 118 -16.74 11.92 23.50
C THR C 118 -17.14 12.88 22.40
N LEU C 119 -17.84 13.96 22.78
CA LEU C 119 -18.30 14.94 21.82
C LEU C 119 -17.20 15.93 21.47
N VAL C 120 -16.91 16.07 20.18
CA VAL C 120 -15.98 17.08 19.67
C VAL C 120 -16.80 18.10 18.88
N THR C 121 -16.75 19.36 19.32
CA THR C 121 -17.51 20.44 18.71
C THR C 121 -16.56 21.49 18.16
N VAL C 122 -16.67 21.78 16.86
CA VAL C 122 -15.81 22.74 16.18
C VAL C 122 -16.66 23.91 15.71
N SER C 123 -16.47 25.08 16.33
CA SER C 123 -17.21 26.27 15.93
C SER C 123 -16.49 27.56 16.26
N GLU C 145 -16.23 3.50 -0.07
CA GLU C 145 -16.89 3.57 -1.36
C GLU C 145 -18.00 2.52 -1.51
N ILE C 146 -17.94 1.46 -0.72
CA ILE C 146 -19.04 0.50 -0.68
C ILE C 146 -20.19 1.10 0.12
N VAL C 147 -21.37 1.15 -0.49
CA VAL C 147 -22.54 1.79 0.08
C VAL C 147 -23.45 0.72 0.66
N LEU C 148 -23.78 0.87 1.95
CA LEU C 148 -24.79 0.06 2.61
C LEU C 148 -26.05 0.91 2.76
N THR C 149 -27.16 0.42 2.23
CA THR C 149 -28.44 1.12 2.29
C THR C 149 -29.39 0.28 3.14
N GLN C 150 -29.76 0.81 4.29
CA GLN C 150 -30.67 0.14 5.20
C GLN C 150 -32.10 0.62 4.95
N SER C 151 -33.05 -0.27 5.22
CA SER C 151 -34.45 0.09 5.19
C SER C 151 -35.17 -0.73 6.24
N PRO C 152 -36.26 -0.20 6.82
CA PRO C 152 -36.66 1.20 6.57
C PRO C 152 -35.78 2.20 7.31
N ALA C 153 -35.96 3.48 7.01
CA ALA C 153 -35.20 4.50 7.71
C ALA C 153 -35.67 4.64 9.16
N THR C 154 -36.99 4.64 9.37
CA THR C 154 -37.57 4.63 10.71
C THR C 154 -38.79 3.73 10.69
N LEU C 155 -39.14 3.20 11.85
CA LEU C 155 -40.37 2.45 12.01
C LEU C 155 -40.69 2.39 13.50
N SER C 156 -41.99 2.36 13.81
CA SER C 156 -42.47 2.32 15.19
C SER C 156 -43.29 1.06 15.39
N LEU C 157 -42.97 0.33 16.46
CA LEU C 157 -43.57 -0.96 16.77
C LEU C 157 -43.96 -1.00 18.23
N SER C 158 -44.77 -2.00 18.57
CA SER C 158 -45.19 -2.27 19.92
C SER C 158 -44.33 -3.37 20.53
N PRO C 159 -44.18 -3.37 21.85
CA PRO C 159 -43.43 -4.46 22.49
C PRO C 159 -44.14 -5.79 22.28
N GLY C 160 -43.34 -6.86 22.22
CA GLY C 160 -43.85 -8.19 21.95
C GLY C 160 -43.95 -8.55 20.48
N GLU C 161 -43.75 -7.59 19.58
CA GLU C 161 -43.89 -7.81 18.15
C GLU C 161 -42.54 -8.16 17.52
N ARG C 162 -42.61 -8.61 16.26
CA ARG C 162 -41.45 -9.05 15.49
C ARG C 162 -41.26 -8.10 14.31
N VAL C 163 -40.00 -7.89 13.93
CA VAL C 163 -39.68 -6.96 12.85
C VAL C 163 -38.42 -7.43 12.15
N THR C 164 -38.34 -7.12 10.86
CA THR C 164 -37.17 -7.44 10.04
C THR C 164 -36.64 -6.15 9.42
N LEU C 165 -35.34 -5.92 9.58
CA LEU C 165 -34.63 -4.80 8.98
C LEU C 165 -33.77 -5.32 7.84
N SER C 166 -33.61 -4.49 6.80
CA SER C 166 -32.86 -4.88 5.61
C SER C 166 -31.63 -4.02 5.44
N CYS C 167 -30.61 -4.61 4.82
CA CYS C 167 -29.39 -3.90 4.43
C CYS C 167 -29.07 -4.36 3.01
N ARG C 168 -28.82 -3.39 2.13
CA ARG C 168 -28.41 -3.64 0.75
C ARG C 168 -27.02 -3.07 0.55
N THR C 169 -26.14 -3.84 -0.07
CA THR C 169 -24.76 -3.42 -0.32
C THR C 169 -24.56 -3.15 -1.80
N SER C 170 -23.78 -2.11 -2.12
CA SER C 170 -23.55 -1.77 -3.53
C SER C 170 -22.69 -2.81 -4.24
N GLN C 171 -21.91 -3.59 -3.51
CA GLN C 171 -21.15 -4.70 -4.07
C GLN C 171 -21.32 -5.89 -3.14
N SER C 172 -21.19 -7.10 -3.69
CA SER C 172 -21.38 -8.29 -2.87
C SER C 172 -20.19 -8.51 -1.94
N ILE C 173 -20.50 -8.99 -0.74
CA ILE C 173 -19.50 -9.13 0.32
C ILE C 173 -19.64 -10.50 0.98
N ARG C 174 -20.12 -11.49 0.21
CA ARG C 174 -20.41 -12.81 0.77
C ARG C 174 -21.28 -12.63 2.01
N THR C 175 -20.80 -13.06 3.18
CA THR C 175 -21.53 -12.87 4.43
C THR C 175 -20.78 -11.98 5.41
N ASN C 176 -20.00 -11.03 4.89
CA ASN C 176 -19.12 -10.20 5.72
C ASN C 176 -19.84 -8.94 6.19
N LEU C 177 -20.95 -9.15 6.90
CA LEU C 177 -21.74 -8.06 7.45
C LEU C 177 -21.88 -8.25 8.95
N ALA C 178 -21.98 -7.14 9.66
CA ALA C 178 -22.31 -7.16 11.08
C ALA C 178 -23.43 -6.16 11.36
N TRP C 179 -24.16 -6.43 12.43
CA TRP C 179 -25.24 -5.55 12.86
C TRP C 179 -24.96 -5.05 14.26
N TYR C 180 -25.30 -3.78 14.48
CA TYR C 180 -25.09 -3.11 15.75
C TYR C 180 -26.38 -2.50 16.27
N GLN C 181 -26.49 -2.45 17.58
CA GLN C 181 -27.55 -1.75 18.28
C GLN C 181 -26.94 -0.53 18.97
N HIS C 182 -27.54 0.64 18.76
CA HIS C 182 -27.08 1.88 19.37
C HIS C 182 -28.24 2.54 20.11
N LYS C 183 -28.29 2.36 21.43
CA LYS C 183 -29.21 3.11 22.27
C LYS C 183 -28.61 4.48 22.57
N HIS C 184 -29.48 5.48 22.67
CA HIS C 184 -29.02 6.85 22.79
C HIS C 184 -28.15 7.04 24.02
N GLY C 185 -26.98 7.67 23.82
CA GLY C 185 -26.08 7.97 24.93
C GLY C 185 -25.33 6.79 25.50
N GLN C 186 -25.45 5.62 24.89
CA GLN C 186 -24.77 4.41 25.34
C GLN C 186 -23.75 3.98 24.31
N ALA C 187 -23.00 2.95 24.66
CA ALA C 187 -22.02 2.39 23.75
C ALA C 187 -22.71 1.52 22.70
N PRO C 188 -22.37 1.68 21.42
CA PRO C 188 -22.86 0.74 20.42
C PRO C 188 -22.51 -0.70 20.80
N ARG C 189 -23.39 -1.61 20.42
CA ARG C 189 -23.32 -3.01 20.78
C ARG C 189 -23.32 -3.85 19.52
N LEU C 190 -22.41 -4.79 19.43
CA LEU C 190 -22.39 -5.74 18.33
C LEU C 190 -23.43 -6.82 18.59
N LEU C 191 -24.33 -7.01 17.63
CA LEU C 191 -25.38 -8.00 17.77
C LEU C 191 -25.06 -9.27 17.00
N ILE C 192 -24.66 -9.12 15.74
CA ILE C 192 -24.41 -10.23 14.84
C ILE C 192 -23.19 -9.90 13.99
N SER C 193 -22.35 -10.91 13.73
CA SER C 193 -21.24 -10.77 12.81
C SER C 193 -21.28 -11.91 11.80
N ASP C 194 -20.54 -11.71 10.71
CA ASP C 194 -20.58 -12.63 9.56
C ASP C 194 -22.02 -13.06 9.27
N ALA C 195 -22.91 -12.06 9.26
CA ALA C 195 -24.29 -12.17 8.79
C ALA C 195 -25.25 -12.89 9.74
N SER C 196 -24.83 -14.00 10.36
CA SER C 196 -25.77 -14.83 11.10
C SER C 196 -25.31 -15.25 12.50
N ASN C 197 -24.12 -14.86 12.94
CA ASN C 197 -23.55 -15.35 14.18
C ASN C 197 -23.76 -14.31 15.29
N ARG C 198 -24.53 -14.69 16.31
CA ARG C 198 -24.77 -13.78 17.42
C ARG C 198 -23.53 -13.60 18.28
N ALA C 199 -23.25 -12.36 18.66
CA ALA C 199 -22.21 -12.10 19.63
C ALA C 199 -22.60 -12.69 20.99
N THR C 200 -21.60 -12.87 21.84
CA THR C 200 -21.87 -13.43 23.17
C THR C 200 -22.75 -12.48 23.97
N GLY C 201 -23.75 -13.04 24.65
CA GLY C 201 -24.66 -12.29 25.47
C GLY C 201 -25.91 -11.82 24.75
N VAL C 202 -25.92 -11.85 23.43
CA VAL C 202 -27.09 -11.42 22.65
C VAL C 202 -28.14 -12.52 22.71
N PRO C 203 -29.35 -12.24 23.19
CA PRO C 203 -30.37 -13.29 23.27
C PRO C 203 -30.79 -13.81 21.90
N ALA C 204 -31.31 -15.04 21.91
CA ALA C 204 -31.64 -15.75 20.68
C ALA C 204 -32.71 -15.06 19.84
N ARG C 205 -33.42 -14.06 20.38
CA ARG C 205 -34.45 -13.40 19.59
C ARG C 205 -33.89 -12.47 18.52
N PHE C 206 -32.60 -12.15 18.57
CA PHE C 206 -31.91 -11.49 17.46
C PHE C 206 -31.35 -12.56 16.53
N SER C 207 -31.67 -12.46 15.24
CA SER C 207 -31.12 -13.39 14.27
C SER C 207 -30.84 -12.67 12.96
N GLY C 208 -29.73 -13.03 12.31
CA GLY C 208 -29.38 -12.45 11.04
C GLY C 208 -29.37 -13.48 9.93
N SER C 209 -29.51 -13.03 8.68
CA SER C 209 -29.42 -13.92 7.54
C SER C 209 -29.07 -13.12 6.30
N GLY C 210 -28.82 -13.82 5.21
CA GLY C 210 -28.53 -13.22 3.93
C GLY C 210 -27.06 -13.34 3.57
N SER C 211 -26.79 -13.07 2.30
CA SER C 211 -25.43 -13.07 1.77
C SER C 211 -25.44 -12.30 0.46
N GLY C 212 -24.26 -12.19 -0.15
CA GLY C 212 -24.16 -11.44 -1.39
C GLY C 212 -24.40 -9.97 -1.13
N THR C 213 -25.57 -9.47 -1.54
CA THR C 213 -25.89 -8.06 -1.38
C THR C 213 -27.12 -7.78 -0.53
N ASP C 214 -27.84 -8.80 -0.05
CA ASP C 214 -29.11 -8.60 0.63
C ASP C 214 -29.09 -9.30 1.98
N PHE C 215 -29.20 -8.52 3.06
CA PHE C 215 -29.11 -9.03 4.41
C PHE C 215 -30.29 -8.52 5.24
N THR C 216 -30.68 -9.33 6.22
CA THR C 216 -31.79 -8.97 7.11
C THR C 216 -31.40 -9.25 8.56
N LEU C 217 -31.87 -8.38 9.44
CA LEU C 217 -31.83 -8.57 10.87
C LEU C 217 -33.26 -8.65 11.38
N THR C 218 -33.58 -9.72 12.10
CA THR C 218 -34.93 -9.94 12.62
C THR C 218 -34.91 -9.92 14.13
N ILE C 219 -35.76 -9.09 14.73
CA ILE C 219 -35.87 -8.97 16.18
C ILE C 219 -37.28 -9.38 16.56
N SER C 220 -37.42 -10.47 17.29
CA SER C 220 -38.71 -10.89 17.79
C SER C 220 -38.78 -10.65 19.29
N ASN C 221 -40.00 -10.67 19.80
CA ASN C 221 -40.28 -10.38 21.21
C ASN C 221 -39.69 -9.03 21.62
N LEU C 222 -40.04 -8.00 20.85
CA LEU C 222 -39.49 -6.67 21.10
C LEU C 222 -39.80 -6.20 22.52
N GLU C 223 -38.84 -5.52 23.11
CA GLU C 223 -38.85 -4.97 24.44
C GLU C 223 -38.59 -3.48 24.35
N PRO C 224 -39.07 -2.68 25.32
CA PRO C 224 -38.87 -1.22 25.22
C PRO C 224 -37.41 -0.82 25.14
N GLU C 225 -36.49 -1.66 25.64
CA GLU C 225 -35.07 -1.36 25.58
C GLU C 225 -34.55 -1.34 24.16
N ASP C 226 -35.25 -2.01 23.23
CA ASP C 226 -34.83 -2.10 21.84
C ASP C 226 -35.14 -0.83 21.04
N PHE C 227 -35.68 0.20 21.68
CA PHE C 227 -35.72 1.56 21.15
C PHE C 227 -34.28 2.02 20.92
N ALA C 228 -33.84 2.00 19.67
CA ALA C 228 -32.43 2.28 19.36
C ALA C 228 -32.30 2.47 17.86
N VAL C 229 -31.09 2.76 17.41
CA VAL C 229 -30.73 2.82 16.00
C VAL C 229 -29.87 1.61 15.69
N TYR C 230 -30.21 0.91 14.62
CA TYR C 230 -29.53 -0.31 14.21
C TYR C 230 -28.72 -0.02 12.95
N TYR C 231 -27.44 -0.36 13.00
CA TYR C 231 -26.49 -0.14 11.90
C TYR C 231 -25.98 -1.47 11.38
N CYS C 232 -25.84 -1.58 10.05
CA CYS C 232 -25.08 -2.67 9.46
C CYS C 232 -23.66 -2.17 9.15
N GLN C 233 -22.76 -3.12 8.95
CA GLN C 233 -21.37 -2.82 8.64
C GLN C 233 -20.80 -3.96 7.79
N GLN C 234 -20.01 -3.60 6.78
CA GLN C 234 -19.30 -4.56 5.96
C GLN C 234 -17.82 -4.47 6.27
N ARG C 235 -17.13 -5.62 6.23
CA ARG C 235 -15.72 -5.67 6.59
C ARG C 235 -14.81 -6.18 5.49
N SER C 236 -15.34 -6.56 4.33
CA SER C 236 -14.58 -7.32 3.35
C SER C 236 -13.98 -6.47 2.24
N ILE C 237 -14.47 -5.24 2.03
CA ILE C 237 -13.95 -4.36 0.99
C ILE C 237 -13.59 -3.04 1.68
N TRP C 238 -12.31 -2.86 1.99
CA TRP C 238 -11.83 -1.81 2.87
C TRP C 238 -10.33 -1.62 2.62
N PRO C 239 -9.76 -0.47 3.04
CA PRO C 239 -10.48 0.66 3.66
C PRO C 239 -11.26 1.46 2.63
N PRO C 240 -12.30 2.20 3.06
CA PRO C 240 -12.75 2.27 4.46
C PRO C 240 -13.76 1.20 4.83
N PHE C 241 -13.86 0.87 6.11
CA PHE C 241 -15.03 0.20 6.61
C PHE C 241 -16.22 1.15 6.46
N THR C 242 -17.37 0.61 6.06
CA THR C 242 -18.54 1.43 5.78
C THR C 242 -19.74 0.87 6.51
N PHE C 243 -20.54 1.79 7.09
CA PHE C 243 -21.78 1.46 7.79
C PHE C 243 -22.98 1.84 6.94
N GLY C 244 -24.13 1.27 7.28
CA GLY C 244 -25.39 1.78 6.75
C GLY C 244 -25.73 3.10 7.41
N GLN C 245 -26.75 3.77 6.88
CA GLN C 245 -27.10 5.05 7.50
C GLN C 245 -27.89 4.88 8.79
N GLY C 246 -28.31 3.66 9.13
CA GLY C 246 -29.03 3.38 10.36
C GLY C 246 -30.53 3.24 10.14
N THR C 247 -31.18 2.49 11.02
CA THR C 247 -32.64 2.40 11.06
C THR C 247 -33.09 2.75 12.46
N LYS C 248 -33.93 3.78 12.59
CA LYS C 248 -34.40 4.25 13.90
C LYS C 248 -35.66 3.45 14.25
N LEU C 249 -35.55 2.62 15.28
CA LEU C 249 -36.65 1.80 15.77
C LEU C 249 -37.26 2.48 16.99
N GLU C 250 -38.51 2.91 16.88
CA GLU C 250 -39.24 3.49 18.01
C GLU C 250 -40.18 2.43 18.56
N ILE C 251 -39.91 1.99 19.79
CA ILE C 251 -40.82 1.05 20.46
C ILE C 251 -41.78 1.87 21.31
N LYS C 252 -43.07 1.72 21.05
CA LYS C 252 -44.09 2.50 21.71
C LYS C 252 -45.23 1.61 22.19
#